data_1J6X
#
_entry.id   1J6X
#
_cell.length_a   71.140
_cell.length_b   71.140
_cell.length_c   130.140
_cell.angle_alpha   90.00
_cell.angle_beta   90.00
_cell.angle_gamma   90.00
#
_symmetry.space_group_name_H-M   'P 41 21 2'
#
loop_
_entity.id
_entity.type
_entity.pdbx_description
1 polymer 'AUTOINDUCER-2 PRODUCTION PROTEIN LUXS'
2 non-polymer 'ZINC ION'
3 non-polymer METHIONINE
4 water water
#
_entity_poly.entity_id   1
_entity_poly.type   'polypeptide(L)'
_entity_poly.pdbx_seq_one_letter_code
;(MSE)K(MSE)NVESFNLDHTKVKAPYVRIADRKKGVNGDLIVKYDVRFKQPNRDH(MSE)D(MSE)PSLHSLEHLVAEI
IRNHANYVVDWSP(MSE)GCQTGFYLTVLNHDNYTEILEVLEKT(MSE)QDVLKAKEVPASNEKQCGWAANHTLEGAQNL
ARAFLDKRAEWSEVGVGSHHHHHH
;
_entity_poly.pdbx_strand_id   A,B
#
loop_
_chem_comp.id
_chem_comp.type
_chem_comp.name
_chem_comp.formula
ZN non-polymer 'ZINC ION' 'Zn 2'
#
# COMPACT_ATOMS: atom_id res chain seq x y z
N MSE A 1 5.81 -10.67 -21.61
CA MSE A 1 5.02 -11.57 -20.73
C MSE A 1 4.14 -10.76 -19.77
O MSE A 1 4.62 -9.85 -19.10
CB MSE A 1 5.94 -12.47 -19.91
CG MSE A 1 5.19 -13.31 -18.89
SE MSE A 1 6.29 -14.24 -17.57
CE MSE A 1 5.87 -16.08 -18.06
N LYS A 2 2.85 -11.10 -19.71
CA LYS A 2 1.92 -10.39 -18.83
C LYS A 2 1.95 -10.97 -17.42
N MSE A 3 2.37 -10.15 -16.45
CA MSE A 3 2.45 -10.56 -15.05
C MSE A 3 1.07 -10.56 -14.41
O MSE A 3 0.11 -10.04 -14.97
CB MSE A 3 3.28 -11.00 -14.67
CG MSE A 3 4.73 -10.51 -14.74
SE MSE A 3 5.71 -11.32 -15.03
CE MSE A 3 6.01 -12.78 -14.17
N ASN A 4 0.97 -11.18 -13.24
CA ASN A 4 -0.30 -11.22 -12.50
C ASN A 4 -0.59 -9.80 -12.04
N VAL A 5 0.46 -9.10 -11.61
CA VAL A 5 0.38 -7.72 -11.13
C VAL A 5 0.29 -6.72 -12.28
N GLU A 6 -0.74 -5.87 -12.29
CA GLU A 6 -0.90 -4.91 -13.38
C GLU A 6 0.18 -3.84 -13.56
N SER A 7 0.78 -3.34 -12.47
CA SER A 7 1.81 -2.32 -12.65
C SER A 7 3.06 -2.89 -13.31
N PHE A 8 3.22 -4.21 -13.27
CA PHE A 8 4.38 -4.84 -13.91
C PHE A 8 4.19 -4.79 -15.43
N ASN A 9 2.96 -4.51 -15.86
CA ASN A 9 2.63 -4.46 -17.28
C ASN A 9 2.69 -3.04 -17.84
N LEU A 10 3.06 -2.09 -16.97
CA LEU A 10 3.21 -0.69 -17.36
C LEU A 10 4.66 -0.46 -17.74
N ASP A 11 4.90 0.18 -18.88
CA ASP A 11 6.26 0.44 -19.33
C ASP A 11 6.79 1.68 -18.63
N HIS A 12 7.49 1.48 -17.51
CA HIS A 12 8.03 2.57 -16.71
C HIS A 12 9.00 3.49 -17.42
N THR A 13 9.57 3.03 -18.53
CA THR A 13 10.52 3.86 -19.26
C THR A 13 9.83 4.83 -20.23
N LYS A 14 8.50 4.78 -20.29
CA LYS A 14 7.76 5.65 -21.20
C LYS A 14 6.78 6.61 -20.50
N VAL A 15 6.77 6.60 -19.18
CA VAL A 15 5.89 7.49 -18.45
C VAL A 15 6.68 8.68 -17.93
N LYS A 16 6.00 9.78 -17.64
CA LYS A 16 6.66 10.96 -17.15
C LYS A 16 6.00 11.50 -15.88
N ALA A 17 6.66 11.29 -14.74
CA ALA A 17 6.17 11.79 -13.47
C ALA A 17 6.26 13.31 -13.49
N PRO A 18 5.40 14.01 -12.72
CA PRO A 18 4.35 13.44 -11.86
C PRO A 18 3.09 13.20 -12.68
N TYR A 19 2.22 12.32 -12.21
CA TYR A 19 1.00 12.03 -12.95
C TYR A 19 0.04 11.15 -12.13
N VAL A 20 -1.24 11.17 -12.50
CA VAL A 20 -2.26 10.34 -11.86
C VAL A 20 -2.81 9.45 -12.97
N ARG A 21 -2.62 8.14 -12.84
CA ARG A 21 -3.04 7.20 -13.87
C ARG A 21 -4.07 6.16 -13.44
N ILE A 22 -5.07 5.92 -14.29
CA ILE A 22 -6.11 4.94 -14.03
C ILE A 22 -5.36 3.62 -14.19
N ALA A 23 -5.02 3.00 -13.06
CA ALA A 23 -4.23 1.79 -13.09
C ALA A 23 -4.97 0.48 -13.10
N ASP A 24 -6.13 0.41 -12.47
CA ASP A 24 -6.85 -0.85 -12.45
C ASP A 24 -8.33 -0.74 -12.08
N ARG A 25 -9.10 -1.74 -12.49
CA ARG A 25 -10.53 -1.78 -12.22
C ARG A 25 -10.90 -3.21 -11.86
N LYS A 26 -11.85 -3.37 -10.97
CA LYS A 26 -12.33 -4.69 -10.61
C LYS A 26 -13.78 -4.53 -10.22
N LYS A 27 -14.59 -5.53 -10.51
CA LYS A 27 -16.01 -5.46 -10.17
C LYS A 27 -16.48 -6.73 -9.48
N GLY A 28 -17.09 -6.56 -8.31
CA GLY A 28 -17.59 -7.68 -7.56
C GLY A 28 -18.68 -8.41 -8.33
N VAL A 29 -19.09 -9.56 -7.81
CA VAL A 29 -20.12 -10.34 -8.47
C VAL A 29 -21.47 -9.63 -8.40
N ASN A 30 -21.63 -8.74 -7.42
CA ASN A 30 -22.89 -8.00 -7.26
C ASN A 30 -22.93 -6.64 -7.95
N GLY A 31 -21.86 -6.24 -8.61
CA GLY A 31 -21.87 -4.96 -9.31
C GLY A 31 -20.97 -3.86 -8.79
N ASP A 32 -20.51 -3.99 -7.54
CA ASP A 32 -19.65 -2.98 -6.95
C ASP A 32 -18.31 -2.77 -7.67
N LEU A 33 -17.98 -1.51 -7.93
CA LEU A 33 -16.77 -1.14 -8.64
C LEU A 33 -15.60 -0.75 -7.72
N ILE A 34 -14.40 -1.03 -8.18
CA ILE A 34 -13.20 -0.69 -7.45
C ILE A 34 -12.23 -0.18 -8.51
N VAL A 35 -11.78 1.05 -8.35
CA VAL A 35 -10.80 1.63 -9.27
C VAL A 35 -9.56 1.99 -8.48
N LYS A 36 -8.40 1.65 -9.03
CA LYS A 36 -7.13 1.92 -8.37
C LYS A 36 -6.38 2.89 -9.24
N TYR A 37 -5.84 3.94 -8.62
CA TYR A 37 -5.09 4.97 -9.36
C TYR A 37 -3.61 5.00 -9.00
N ASP A 38 -2.78 5.06 -10.03
CA ASP A 38 -1.33 5.15 -9.87
C ASP A 38 -0.99 6.64 -9.79
N VAL A 39 -0.75 7.16 -8.58
CA VAL A 39 -0.39 8.57 -8.45
C VAL A 39 1.11 8.62 -8.17
N ARG A 40 1.83 8.88 -9.25
CA ARG A 40 3.30 8.94 -9.35
C ARG A 40 3.89 10.31 -9.04
N PHE A 41 4.70 10.37 -7.99
CA PHE A 41 5.37 11.59 -7.56
C PHE A 41 6.77 11.75 -8.15
N LYS A 42 7.45 10.62 -8.38
CA LYS A 42 8.81 10.64 -8.88
C LYS A 42 9.06 9.85 -10.15
N GLN A 43 9.96 10.36 -10.99
CA GLN A 43 10.32 9.70 -12.24
C GLN A 43 10.97 8.35 -11.93
N PRO A 44 10.37 7.26 -12.43
CA PRO A 44 10.88 5.91 -12.21
C PRO A 44 12.37 5.70 -12.54
N ASN A 45 13.09 5.13 -11.58
CA ASN A 45 14.50 4.85 -11.72
C ASN A 45 15.36 6.06 -12.02
N ARG A 46 14.85 7.24 -11.70
CA ARG A 46 15.58 8.49 -11.91
C ARG A 46 15.49 9.34 -10.64
N ASP A 47 14.59 8.95 -9.74
CA ASP A 47 14.39 9.69 -8.50
C ASP A 47 13.45 8.90 -7.57
N HIS A 48 13.41 9.27 -6.29
CA HIS A 48 12.55 8.59 -5.33
C HIS A 48 12.34 9.42 -4.06
N MSE A 49 11.30 9.07 -3.30
CA MSE A 49 11.00 9.78 -2.05
C MSE A 49 11.71 9.11 -0.89
O MSE A 49 11.78 7.88 -0.83
CB MSE A 49 9.50 9.76 -1.75
CG MSE A 49 8.58 10.40 -2.76
SE MSE A 49 6.69 10.06 -2.29
CE MSE A 49 6.44 8.47 -3.34
N ASP A 50 12.22 9.91 0.05
CA ASP A 50 12.87 9.38 1.24
C ASP A 50 11.74 8.90 2.15
N MSE A 51 11.96 7.76 2.81
CA MSE A 51 10.97 7.17 3.68
C MSE A 51 10.28 8.03 4.72
O MSE A 51 9.07 7.94 4.87
CB MSE A 51 11.54 5.92 4.34
CG MSE A 51 11.71 4.77 3.36
SE MSE A 51 10.12 4.45 2.27
CE MSE A 51 8.85 4.05 3.67
N PRO A 52 11.04 8.86 5.46
CA PRO A 52 10.32 9.67 6.45
C PRO A 52 9.30 10.62 5.83
N SER A 53 9.65 11.21 4.69
CA SER A 53 8.71 12.13 4.04
C SER A 53 7.53 11.35 3.45
N LEU A 54 7.84 10.19 2.92
CA LEU A 54 6.84 9.31 2.30
C LEU A 54 5.89 8.80 3.38
N HIS A 55 6.45 8.40 4.52
CA HIS A 55 5.66 7.90 5.62
C HIS A 55 4.69 8.96 6.13
N SER A 56 5.20 10.17 6.29
CA SER A 56 4.38 11.29 6.77
C SER A 56 3.31 11.67 5.76
N LEU A 57 3.63 11.56 4.46
CA LEU A 57 2.63 11.89 3.44
C LEU A 57 1.54 10.80 3.43
N GLU A 58 1.92 9.55 3.71
CA GLU A 58 0.95 8.46 3.75
C GLU A 58 -0.11 8.84 4.80
N HIS A 59 0.35 9.14 6.01
CA HIS A 59 -0.52 9.55 7.10
C HIS A 59 -1.41 10.75 6.75
N LEU A 60 -0.77 11.85 6.36
CA LEU A 60 -1.48 13.10 6.03
C LEU A 60 -2.56 12.95 4.96
N VAL A 61 -2.20 12.48 3.78
CA VAL A 61 -3.19 12.32 2.74
C VAL A 61 -4.26 11.29 3.11
N ALA A 62 -3.87 10.19 3.77
CA ALA A 62 -4.83 9.16 4.15
C ALA A 62 -5.97 9.69 5.01
N GLU A 63 -5.63 10.61 5.92
CA GLU A 63 -6.64 11.22 6.77
C GLU A 63 -7.31 12.39 6.07
N ILE A 64 -6.51 13.25 5.46
CA ILE A 64 -7.04 14.43 4.79
C ILE A 64 -7.93 14.11 3.61
N ILE A 65 -7.55 13.14 2.79
CA ILE A 65 -8.38 12.83 1.63
C ILE A 65 -9.79 12.32 1.98
N ARG A 66 -9.90 11.59 3.10
CA ARG A 66 -11.19 11.06 3.56
C ARG A 66 -12.04 12.15 4.24
N ASN A 67 -11.49 13.36 4.37
CA ASN A 67 -12.27 14.47 4.90
C ASN A 67 -12.97 15.05 3.68
N HIS A 68 -12.44 14.75 2.49
CA HIS A 68 -12.98 15.26 1.23
C HIS A 68 -13.76 14.27 0.37
N ALA A 69 -13.71 12.99 0.72
CA ALA A 69 -14.43 11.96 0.00
C ALA A 69 -15.03 11.08 1.07
N ASN A 70 -15.72 10.06 0.64
CA ASN A 70 -16.28 9.15 1.59
C ASN A 70 -16.33 7.81 0.85
N TYR A 71 -15.57 7.75 -0.24
CA TYR A 71 -15.47 6.59 -1.12
C TYR A 71 -14.03 6.04 -1.32
N VAL A 72 -13.12 6.46 -0.45
CA VAL A 72 -11.72 6.04 -0.49
C VAL A 72 -11.54 4.72 0.26
N VAL A 73 -11.05 3.71 -0.44
CA VAL A 73 -10.85 2.44 0.21
C VAL A 73 -9.48 2.41 0.83
N ASP A 74 -8.51 3.00 0.14
CA ASP A 74 -7.15 2.92 0.63
C ASP A 74 -6.17 3.92 -0.05
N TRP A 75 -5.20 4.40 0.72
CA TRP A 75 -4.12 5.28 0.23
C TRP A 75 -2.80 4.59 0.63
N SER A 76 -2.16 3.92 -0.32
CA SER A 76 -0.93 3.18 -0.03
C SER A 76 0.31 3.58 -0.77
N PRO A 77 1.47 3.57 -0.08
CA PRO A 77 2.76 3.92 -0.69
C PRO A 77 3.23 2.73 -1.51
N MSE A 78 4.00 2.96 -2.57
CA MSE A 78 4.54 1.87 -3.38
C MSE A 78 5.91 1.45 -2.83
O MSE A 78 6.64 2.28 -2.28
CB MSE A 78 4.70 2.30 -4.83
CG MSE A 78 3.43 2.48 -5.59
SE MSE A 78 3.79 3.45 -7.23
CE MSE A 78 2.02 4.16 -7.60
N GLY A 79 6.26 0.18 -2.98
CA GLY A 79 7.53 -0.29 -2.48
C GLY A 79 8.73 0.35 -3.16
N CYS A 80 8.53 0.89 -4.36
CA CYS A 80 9.60 1.53 -5.13
C CYS A 80 9.83 2.99 -4.74
N GLN A 81 9.00 3.52 -3.85
CA GLN A 81 9.17 4.89 -3.36
C GLN A 81 9.01 6.02 -4.38
N THR A 82 8.22 5.82 -5.43
CA THR A 82 8.03 6.87 -6.44
C THR A 82 6.61 7.37 -6.49
N GLY A 83 5.69 6.63 -5.87
CA GLY A 83 4.29 7.03 -5.88
C GLY A 83 3.41 6.31 -4.86
N PHE A 84 2.11 6.50 -4.99
CA PHE A 84 1.15 5.88 -4.09
C PHE A 84 0.01 5.29 -4.89
N TYR A 85 -0.73 4.38 -4.28
CA TYR A 85 -1.88 3.80 -4.93
C TYR A 85 -3.11 4.35 -4.22
N LEU A 86 -4.06 4.81 -5.00
CA LEU A 86 -5.31 5.34 -4.47
C LEU A 86 -6.39 4.39 -4.93
N THR A 87 -7.08 3.76 -3.98
CA THR A 87 -8.15 2.83 -4.33
C THR A 87 -9.51 3.41 -3.93
N VAL A 88 -10.47 3.36 -4.84
CA VAL A 88 -11.80 3.89 -4.55
C VAL A 88 -12.92 2.88 -4.81
N LEU A 89 -14.05 3.07 -4.12
CA LEU A 89 -15.20 2.20 -4.22
C LEU A 89 -16.41 2.93 -4.83
N ASN A 90 -17.04 2.31 -5.82
CA ASN A 90 -18.20 2.89 -6.48
C ASN A 90 -18.05 4.37 -6.83
N HIS A 91 -16.92 4.71 -7.43
CA HIS A 91 -16.64 6.07 -7.85
C HIS A 91 -15.81 5.93 -9.11
N ASP A 92 -16.38 6.39 -10.23
CA ASP A 92 -15.70 6.30 -11.53
C ASP A 92 -15.72 7.67 -12.20
N ASN A 93 -15.03 8.63 -11.61
CA ASN A 93 -14.99 9.99 -12.12
C ASN A 93 -13.56 10.52 -12.03
N TYR A 94 -12.78 10.34 -13.09
CA TYR A 94 -11.38 10.78 -13.12
C TYR A 94 -11.18 12.25 -12.79
N THR A 95 -12.03 13.13 -13.34
CA THR A 95 -11.89 14.56 -13.06
C THR A 95 -11.99 14.87 -11.57
N GLU A 96 -13.00 14.30 -10.90
CA GLU A 96 -13.17 14.54 -9.47
C GLU A 96 -11.94 14.08 -8.71
N ILE A 97 -11.36 12.96 -9.12
CA ILE A 97 -10.17 12.45 -8.44
C ILE A 97 -9.07 13.50 -8.46
N LEU A 98 -8.84 14.10 -9.61
CA LEU A 98 -7.80 15.13 -9.72
C LEU A 98 -8.08 16.30 -8.78
N GLU A 99 -9.33 16.76 -8.71
CA GLU A 99 -9.71 17.89 -7.85
C GLU A 99 -9.55 17.56 -6.36
N VAL A 100 -9.99 16.36 -5.96
CA VAL A 100 -9.88 15.91 -4.58
C VAL A 100 -8.41 15.85 -4.22
N LEU A 101 -7.59 15.34 -5.14
CA LEU A 101 -6.16 15.27 -4.91
C LEU A 101 -5.60 16.68 -4.83
N GLU A 102 -6.17 17.60 -5.61
CA GLU A 102 -5.70 18.99 -5.60
C GLU A 102 -6.04 19.61 -4.25
N LYS A 103 -7.26 19.40 -3.77
CA LYS A 103 -7.68 19.94 -2.47
C LYS A 103 -6.85 19.31 -1.36
N THR A 104 -6.72 17.99 -1.38
CA THR A 104 -5.96 17.25 -0.37
C THR A 104 -4.55 17.81 -0.23
N MSE A 105 -3.83 17.90 -1.34
CA MSE A 105 -2.45 18.42 -1.29
C MSE A 105 -2.39 19.83 -0.70
O MSE A 105 -1.46 20.16 0.01
CB MSE A 105 -1.82 18.41 -2.68
CG MSE A 105 -1.60 17.02 -3.26
SE MSE A 105 -0.66 15.80 -2.03
CE MSE A 105 -1.43 14.15 -2.68
N GLN A 106 -3.41 20.65 -0.98
CA GLN A 106 -3.44 21.99 -0.45
C GLN A 106 -3.61 22.02 1.07
N ASP A 107 -4.47 21.15 1.60
CA ASP A 107 -4.69 21.05 3.04
C ASP A 107 -3.46 20.50 3.74
N VAL A 108 -2.73 19.63 3.04
CA VAL A 108 -1.50 19.03 3.58
C VAL A 108 -0.50 20.14 3.88
N LEU A 109 -0.53 21.21 3.09
CA LEU A 109 0.39 22.35 3.29
C LEU A 109 -0.03 23.21 4.48
N LYS A 110 -1.28 23.08 4.92
CA LYS A 110 -1.78 23.83 6.07
C LYS A 110 -1.73 22.98 7.35
N ALA A 111 -1.34 21.71 7.22
CA ALA A 111 -1.27 20.80 8.37
C ALA A 111 -0.22 21.25 9.38
N LYS A 112 -0.53 21.10 10.67
CA LYS A 112 0.40 21.51 11.71
C LYS A 112 1.19 20.35 12.31
N GLU A 113 0.69 19.13 12.11
CA GLU A 113 1.36 17.94 12.60
C GLU A 113 1.05 16.78 11.65
N VAL A 114 1.89 15.76 11.69
CA VAL A 114 1.61 14.59 10.89
C VAL A 114 0.65 13.88 11.84
N PRO A 115 -0.58 13.60 11.40
CA PRO A 115 -1.51 12.94 12.30
C PRO A 115 -1.13 11.50 12.63
N ALA A 116 -1.30 11.13 13.88
CA ALA A 116 -1.03 9.77 14.33
C ALA A 116 0.44 9.37 14.26
N SER A 117 1.35 10.34 14.43
CA SER A 117 2.77 10.02 14.42
C SER A 117 3.27 9.69 15.83
N ASN A 118 2.62 8.74 16.49
CA ASN A 118 3.02 8.33 17.84
C ASN A 118 3.02 6.79 17.93
N GLU A 119 3.60 6.24 18.99
CA GLU A 119 3.72 4.79 19.12
C GLU A 119 2.43 4.00 19.31
N LYS A 120 1.35 4.69 19.67
CA LYS A 120 0.08 4.01 19.83
C LYS A 120 -0.63 3.86 18.50
N GLN A 121 -0.42 4.78 17.56
CA GLN A 121 -1.15 4.69 16.30
C GLN A 121 -0.30 4.49 15.04
N CYS A 122 0.98 4.27 15.24
CA CYS A 122 1.90 4.12 14.11
C CYS A 122 2.95 3.06 14.43
N GLY A 123 3.32 2.27 13.44
CA GLY A 123 4.31 1.23 13.62
C GLY A 123 5.76 1.67 13.69
N TRP A 124 6.05 2.90 13.27
CA TRP A 124 7.42 3.47 13.35
C TRP A 124 7.26 4.98 13.56
N ALA A 125 6.76 5.34 14.75
CA ALA A 125 6.47 6.72 15.10
C ALA A 125 7.59 7.73 14.93
N ALA A 126 8.82 7.32 15.21
CA ALA A 126 9.95 8.22 15.07
C ALA A 126 10.28 8.59 13.63
N ASN A 127 9.94 7.73 12.67
CA ASN A 127 10.26 7.97 11.26
C ASN A 127 9.27 8.86 10.53
N HIS A 128 9.29 10.14 10.84
CA HIS A 128 8.38 11.10 10.21
C HIS A 128 9.02 12.48 10.02
N THR A 129 8.37 13.30 9.21
CA THR A 129 8.78 14.68 8.99
C THR A 129 7.66 15.42 8.26
N LEU A 130 7.04 16.37 8.96
CA LEU A 130 5.94 17.15 8.39
C LEU A 130 6.46 17.95 7.21
N GLU A 131 7.56 18.66 7.42
CA GLU A 131 8.16 19.49 6.38
C GLU A 131 8.47 18.63 5.15
N GLY A 132 9.13 17.49 5.36
CA GLY A 132 9.43 16.62 4.23
C GLY A 132 8.17 16.30 3.43
N ALA A 133 7.11 15.90 4.12
CA ALA A 133 5.85 15.59 3.46
C ALA A 133 5.29 16.80 2.73
N GLN A 134 5.37 17.96 3.36
CA GLN A 134 4.86 19.19 2.74
C GLN A 134 5.66 19.59 1.52
N ASN A 135 6.94 19.19 1.46
CA ASN A 135 7.79 19.50 0.31
C ASN A 135 7.38 18.64 -0.90
N LEU A 136 6.99 17.39 -0.65
CA LEU A 136 6.54 16.53 -1.73
C LEU A 136 5.16 17.03 -2.18
N ALA A 137 4.38 17.51 -1.22
CA ALA A 137 3.04 17.99 -1.55
C ALA A 137 3.14 19.27 -2.39
N ARG A 138 4.08 20.15 -2.06
CA ARG A 138 4.21 21.39 -2.83
C ARG A 138 4.71 21.11 -4.25
N ALA A 139 5.76 20.29 -4.39
CA ALA A 139 6.26 19.97 -5.72
C ALA A 139 5.14 19.35 -6.57
N PHE A 140 4.50 18.31 -6.05
CA PHE A 140 3.42 17.63 -6.76
C PHE A 140 2.39 18.63 -7.23
N LEU A 141 2.07 19.59 -6.34
CA LEU A 141 1.10 20.61 -6.67
C LEU A 141 1.58 21.57 -7.77
N ASP A 142 2.84 22.01 -7.70
CA ASP A 142 3.35 22.95 -8.71
C ASP A 142 3.15 22.43 -10.13
N LYS A 143 3.25 21.11 -10.30
CA LYS A 143 3.11 20.49 -11.62
C LYS A 143 1.72 19.96 -11.90
N ARG A 144 0.72 20.53 -11.22
CA ARG A 144 -0.68 20.16 -11.36
C ARG A 144 -1.18 20.02 -12.81
N ALA A 145 -0.89 21.00 -13.66
CA ALA A 145 -1.33 20.97 -15.07
C ALA A 145 -0.82 19.75 -15.84
N GLU A 146 0.13 19.03 -15.27
CA GLU A 146 0.69 17.85 -15.92
C GLU A 146 0.05 16.54 -15.49
N TRP A 147 -0.65 16.56 -14.35
CA TRP A 147 -1.24 15.34 -13.81
C TRP A 147 -1.95 14.39 -14.75
N SER A 148 -2.62 14.92 -15.77
CA SER A 148 -3.34 14.06 -16.70
C SER A 148 -2.50 13.54 -17.88
N GLU A 149 -1.24 13.93 -17.95
CA GLU A 149 -0.39 13.50 -19.04
C GLU A 149 0.62 12.48 -18.50
N VAL A 150 0.30 11.20 -18.67
CA VAL A 150 1.13 10.10 -18.19
C VAL A 150 2.29 9.72 -19.12
N GLY A 151 2.05 9.79 -20.43
CA GLY A 151 3.08 9.46 -21.40
C GLY A 151 4.06 10.59 -21.66
N MSE B 1 -11.78 8.95 20.64
CA MSE B 1 -12.37 9.46 19.37
C MSE B 1 -12.18 8.40 18.31
O MSE B 1 -11.40 7.46 18.48
CB MSE B 1 -11.66 10.75 18.91
CG MSE B 1 -10.30 10.50 18.27
SE MSE B 1 -9.15 12.09 18.16
CE MSE B 1 -8.69 12.16 20.05
N LYS B 2 -12.89 8.53 17.19
CA LYS B 2 -12.72 7.56 16.13
C LYS B 2 -12.02 8.26 14.98
N MSE B 3 -10.81 7.80 14.70
CA MSE B 3 -10.02 8.36 13.63
C MSE B 3 -10.62 8.01 12.28
O MSE B 3 -11.37 7.04 12.12
CB MSE B 3 -8.60 7.81 13.71
CG MSE B 3 -7.89 8.05 15.03
SE MSE B 3 -7.45 9.90 15.28
CE MSE B 3 -5.94 10.05 14.07
N ASN B 4 -10.26 8.84 11.32
CA ASN B 4 -10.68 8.78 9.93
C ASN B 4 -10.13 7.53 9.27
N VAL B 5 -8.96 7.10 9.74
CA VAL B 5 -8.26 5.95 9.20
C VAL B 5 -8.34 4.80 10.17
N GLU B 6 -8.68 3.62 9.68
CA GLU B 6 -8.83 2.45 10.54
C GLU B 6 -7.63 2.11 11.43
N SER B 7 -6.45 1.99 10.83
CA SER B 7 -5.28 1.63 11.62
C SER B 7 -4.91 2.64 12.71
N PHE B 8 -5.37 3.88 12.61
CA PHE B 8 -5.05 4.86 13.64
C PHE B 8 -5.87 4.57 14.90
N ASN B 9 -6.77 3.62 14.79
CA ASN B 9 -7.64 3.21 15.90
C ASN B 9 -7.12 1.95 16.58
N LEU B 10 -6.08 1.36 16.01
CA LEU B 10 -5.44 0.16 16.56
C LEU B 10 -4.35 0.60 17.56
N ASP B 11 -4.35 0.01 18.75
CA ASP B 11 -3.35 0.36 19.74
C ASP B 11 -2.09 -0.46 19.42
N HIS B 12 -1.17 0.15 18.71
CA HIS B 12 0.04 -0.53 18.30
C HIS B 12 0.91 -1.11 19.41
N THR B 13 0.79 -0.58 20.63
CA THR B 13 1.61 -1.07 21.74
C THR B 13 1.11 -2.41 22.32
N LYS B 14 -0.08 -2.85 21.92
CA LYS B 14 -0.64 -4.08 22.48
C LYS B 14 -0.71 -5.31 21.59
N VAL B 15 -0.42 -5.15 20.32
CA VAL B 15 -0.45 -6.26 19.40
C VAL B 15 0.85 -7.02 19.54
N LYS B 16 0.83 -8.30 19.15
CA LYS B 16 2.03 -9.09 19.22
C LYS B 16 2.41 -9.61 17.84
N ALA B 17 3.39 -8.98 17.21
CA ALA B 17 3.81 -9.40 15.89
C ALA B 17 4.50 -10.77 16.01
N PRO B 18 4.42 -11.60 14.96
CA PRO B 18 3.76 -11.37 13.68
C PRO B 18 2.31 -11.81 13.76
N TYR B 19 1.46 -11.21 12.94
CA TYR B 19 0.06 -11.57 12.96
C TYR B 19 -0.70 -11.17 11.68
N VAL B 20 -1.93 -11.68 11.56
CA VAL B 20 -2.78 -11.37 10.42
C VAL B 20 -4.08 -10.88 11.05
N ARG B 21 -4.36 -9.59 10.91
CA ARG B 21 -5.55 -9.02 11.53
C ARG B 21 -6.60 -8.55 10.55
N ILE B 22 -7.86 -8.84 10.85
CA ILE B 22 -8.98 -8.39 10.02
C ILE B 22 -9.00 -6.88 10.30
N ALA B 23 -8.43 -6.08 9.42
CA ALA B 23 -8.40 -4.64 9.69
C ALA B 23 -9.65 -3.88 9.31
N ASP B 24 -10.41 -4.40 8.35
CA ASP B 24 -11.59 -3.69 7.92
C ASP B 24 -12.49 -4.48 6.98
N ARG B 25 -13.79 -4.26 7.10
CA ARG B 25 -14.77 -4.91 6.24
C ARG B 25 -15.68 -3.82 5.71
N LYS B 26 -15.74 -3.71 4.39
CA LYS B 26 -16.59 -2.73 3.76
C LYS B 26 -17.50 -3.53 2.86
N LYS B 27 -18.78 -3.21 2.90
CA LYS B 27 -19.72 -3.88 2.02
C LYS B 27 -20.20 -2.77 1.12
N GLY B 28 -20.12 -2.98 -0.19
CA GLY B 28 -20.56 -1.95 -1.11
C GLY B 28 -22.07 -1.79 -1.10
N VAL B 29 -22.56 -0.74 -1.76
CA VAL B 29 -24.00 -0.49 -1.84
C VAL B 29 -24.70 -1.69 -2.48
N ASN B 30 -24.01 -2.36 -3.40
CA ASN B 30 -24.57 -3.55 -4.07
C ASN B 30 -24.39 -4.86 -3.31
N GLY B 31 -23.81 -4.80 -2.12
CA GLY B 31 -23.63 -6.02 -1.35
C GLY B 31 -22.30 -6.73 -1.48
N ASP B 32 -21.44 -6.32 -2.40
CA ASP B 32 -20.14 -6.97 -2.52
C ASP B 32 -19.32 -6.62 -1.27
N LEU B 33 -18.58 -7.58 -0.77
CA LEU B 33 -17.78 -7.36 0.43
C LEU B 33 -16.30 -7.17 0.11
N ILE B 34 -15.69 -6.14 0.70
CA ILE B 34 -14.26 -5.90 0.53
C ILE B 34 -13.68 -6.06 1.93
N VAL B 35 -12.66 -6.89 2.08
CA VAL B 35 -12.05 -7.11 3.37
C VAL B 35 -10.59 -6.73 3.27
N LYS B 36 -10.08 -6.14 4.33
CA LYS B 36 -8.71 -5.69 4.42
C LYS B 36 -8.01 -6.37 5.61
N TYR B 37 -6.82 -6.90 5.34
CA TYR B 37 -6.02 -7.57 6.36
C TYR B 37 -4.67 -6.91 6.59
N ASP B 38 -4.37 -6.71 7.86
CA ASP B 38 -3.13 -6.12 8.32
C ASP B 38 -2.20 -7.29 8.63
N VAL B 39 -1.31 -7.63 7.70
CA VAL B 39 -0.40 -8.72 7.92
C VAL B 39 0.93 -8.11 8.32
N ARG B 40 1.09 -8.07 9.65
CA ARG B 40 2.22 -7.49 10.37
C ARG B 40 3.42 -8.42 10.51
N PHE B 41 4.56 -8.02 9.94
CA PHE B 41 5.77 -8.84 10.06
C PHE B 41 6.58 -8.47 11.29
N LYS B 42 6.80 -7.17 11.50
CA LYS B 42 7.60 -6.69 12.63
C LYS B 42 6.80 -5.98 13.72
N GLN B 43 7.30 -6.07 14.96
CA GLN B 43 6.64 -5.46 16.12
C GLN B 43 6.72 -3.93 16.04
N PRO B 44 5.57 -3.26 16.05
CA PRO B 44 5.49 -1.79 15.98
C PRO B 44 6.47 -1.05 16.90
N ASN B 45 7.29 -0.18 16.31
CA ASN B 45 8.26 0.63 17.04
C ASN B 45 9.33 -0.17 17.75
N ARG B 46 9.49 -1.43 17.38
CA ARG B 46 10.49 -2.26 18.00
C ARG B 46 11.39 -2.82 16.93
N ASP B 47 10.89 -2.83 15.70
CA ASP B 47 11.64 -3.38 14.58
C ASP B 47 11.00 -2.96 13.27
N HIS B 48 11.62 -3.34 12.15
CA HIS B 48 11.10 -2.97 10.84
C HIS B 48 11.86 -3.67 9.71
N MSE B 49 11.32 -3.61 8.49
CA MSE B 49 11.93 -4.26 7.33
C MSE B 49 12.76 -3.24 6.55
O MSE B 49 12.27 -2.13 6.33
CB MSE B 49 10.84 -4.79 6.39
CG MSE B 49 9.91 -5.84 6.99
SE MSE B 49 8.46 -6.38 5.79
CE MSE B 49 7.15 -5.04 6.28
N ASP B 50 13.98 -3.58 6.14
CA ASP B 50 14.74 -2.60 5.36
C ASP B 50 14.04 -2.56 4.01
N MSE B 51 14.05 -1.40 3.36
CA MSE B 51 13.37 -1.22 2.08
C MSE B 51 13.67 -2.21 0.96
O MSE B 51 12.74 -2.58 0.22
CB MSE B 51 13.55 0.19 1.58
CG MSE B 51 12.77 1.21 2.40
SE MSE B 51 10.87 0.70 2.68
CE MSE B 51 10.24 0.92 0.86
N PRO B 52 14.93 -2.63 0.78
CA PRO B 52 15.17 -3.58 -0.31
C PRO B 52 14.43 -4.91 -0.11
N SER B 53 14.44 -5.43 1.11
CA SER B 53 13.74 -6.70 1.39
C SER B 53 12.23 -6.49 1.34
N LEU B 54 11.77 -5.36 1.88
CA LEU B 54 10.35 -5.03 1.88
C LEU B 54 9.85 -4.92 0.44
N HIS B 55 10.62 -4.19 -0.36
CA HIS B 55 10.29 -3.98 -1.77
C HIS B 55 10.22 -5.28 -2.57
N SER B 56 11.13 -6.21 -2.29
CA SER B 56 11.13 -7.45 -3.02
C SER B 56 10.03 -8.41 -2.55
N LEU B 57 9.76 -8.42 -1.26
CA LEU B 57 8.73 -9.30 -0.75
C LEU B 57 7.37 -8.83 -1.29
N GLU B 58 7.29 -7.54 -1.65
CA GLU B 58 6.07 -6.97 -2.20
C GLU B 58 5.84 -7.51 -3.62
N HIS B 59 6.89 -7.52 -4.43
CA HIS B 59 6.79 -8.04 -5.80
C HIS B 59 6.46 -9.52 -5.76
N LEU B 60 7.22 -10.27 -4.97
CA LEU B 60 7.06 -11.72 -4.84
C LEU B 60 5.68 -12.15 -4.35
N VAL B 61 5.22 -11.61 -3.24
CA VAL B 61 3.92 -11.97 -2.72
C VAL B 61 2.80 -11.46 -3.62
N ALA B 62 2.95 -10.25 -4.16
CA ALA B 62 1.92 -9.67 -5.03
C ALA B 62 1.67 -10.58 -6.22
N GLU B 63 2.77 -11.04 -6.82
CA GLU B 63 2.70 -11.93 -7.97
C GLU B 63 2.24 -13.33 -7.62
N ILE B 64 2.83 -13.90 -6.57
CA ILE B 64 2.51 -15.27 -6.16
C ILE B 64 1.13 -15.52 -5.52
N ILE B 65 0.70 -14.65 -4.62
CA ILE B 65 -0.58 -14.86 -3.98
C ILE B 65 -1.66 -15.01 -5.03
N ARG B 66 -1.58 -14.23 -6.10
CA ARG B 66 -2.56 -14.30 -7.18
C ARG B 66 -2.52 -15.61 -7.99
N ASN B 67 -1.65 -16.55 -7.62
CA ASN B 67 -1.60 -17.85 -8.30
C ASN B 67 -2.47 -18.76 -7.48
N HIS B 68 -2.55 -18.48 -6.18
CA HIS B 68 -3.32 -19.28 -5.23
C HIS B 68 -4.71 -18.70 -4.92
N ALA B 69 -4.99 -17.48 -5.39
CA ALA B 69 -6.29 -16.87 -5.14
C ALA B 69 -6.77 -15.98 -6.28
N ASN B 70 -8.05 -16.08 -6.61
CA ASN B 70 -8.63 -15.26 -7.68
C ASN B 70 -9.30 -14.00 -7.12
N TYR B 71 -9.31 -13.85 -5.81
CA TYR B 71 -9.99 -12.70 -5.19
C TYR B 71 -9.14 -11.59 -4.59
N VAL B 72 -7.86 -11.58 -4.89
CA VAL B 72 -6.99 -10.54 -4.33
C VAL B 72 -7.11 -9.23 -5.10
N VAL B 73 -7.34 -8.14 -4.37
CA VAL B 73 -7.47 -6.81 -4.94
C VAL B 73 -6.14 -6.06 -4.87
N ASP B 74 -5.46 -6.20 -3.74
CA ASP B 74 -4.20 -5.49 -3.56
C ASP B 74 -3.29 -6.08 -2.47
N TRP B 75 -1.99 -5.82 -2.59
CA TRP B 75 -0.99 -6.21 -1.59
C TRP B 75 -0.03 -5.02 -1.60
N SER B 76 -0.10 -4.19 -0.56
CA SER B 76 0.72 -3.00 -0.46
C SER B 76 1.47 -2.90 0.85
N PRO B 77 2.72 -2.42 0.80
CA PRO B 77 3.49 -2.29 2.04
C PRO B 77 3.01 -1.08 2.81
N MSE B 78 3.24 -1.11 4.12
CA MSE B 78 2.87 0.01 4.98
C MSE B 78 4.04 0.97 4.98
O MSE B 78 5.21 0.56 4.86
CB MSE B 78 2.62 -0.49 6.39
CG MSE B 78 1.36 -1.34 6.52
SE MSE B 78 1.25 -2.13 8.27
CE MSE B 78 -0.28 -3.27 7.97
N GLY B 79 3.77 2.26 5.12
CA GLY B 79 4.84 3.22 5.14
C GLY B 79 5.71 3.04 6.38
N CYS B 80 5.15 2.45 7.42
CA CYS B 80 5.89 2.23 8.66
C CYS B 80 6.87 1.07 8.54
N GLN B 81 6.91 0.44 7.37
CA GLN B 81 7.82 -0.68 7.13
C GLN B 81 7.66 -1.88 8.06
N THR B 82 6.53 -2.01 8.76
CA THR B 82 6.41 -3.15 9.64
C THR B 82 5.44 -4.18 9.12
N GLY B 83 4.75 -3.87 8.01
CA GLY B 83 3.80 -4.83 7.50
C GLY B 83 3.22 -4.49 6.15
N PHE B 84 2.22 -5.25 5.75
CA PHE B 84 1.55 -5.06 4.47
C PHE B 84 0.04 -5.17 4.62
N TYR B 85 -0.69 -4.48 3.75
CA TYR B 85 -2.14 -4.59 3.74
C TYR B 85 -2.51 -5.49 2.56
N LEU B 86 -3.44 -6.41 2.81
CA LEU B 86 -3.92 -7.30 1.78
C LEU B 86 -5.39 -6.98 1.65
N THR B 87 -5.85 -6.76 0.43
CA THR B 87 -7.25 -6.43 0.20
C THR B 87 -7.85 -7.48 -0.71
N VAL B 88 -8.99 -8.03 -0.30
CA VAL B 88 -9.70 -9.02 -1.10
C VAL B 88 -11.15 -8.55 -1.33
N LEU B 89 -11.81 -9.15 -2.31
CA LEU B 89 -13.20 -8.80 -2.63
C LEU B 89 -14.01 -10.08 -2.74
N ASN B 90 -15.20 -10.08 -2.14
CA ASN B 90 -16.09 -11.24 -2.16
C ASN B 90 -15.47 -12.53 -1.58
N HIS B 91 -14.77 -12.41 -0.45
CA HIS B 91 -14.16 -13.54 0.25
C HIS B 91 -14.17 -13.19 1.72
N ASP B 92 -14.60 -14.14 2.56
CA ASP B 92 -14.69 -13.82 3.96
C ASP B 92 -14.44 -14.99 4.92
N ASN B 93 -13.46 -15.87 4.63
CA ASN B 93 -13.12 -16.92 5.55
C ASN B 93 -11.68 -16.58 5.95
N TYR B 94 -11.55 -16.24 7.22
CA TYR B 94 -10.25 -15.87 7.80
C TYR B 94 -9.25 -17.02 7.62
N THR B 95 -9.64 -18.23 8.00
CA THR B 95 -8.76 -19.38 7.88
C THR B 95 -8.19 -19.59 6.48
N GLU B 96 -9.02 -19.46 5.45
CA GLU B 96 -8.52 -19.65 4.08
C GLU B 96 -7.47 -18.60 3.72
N ILE B 97 -7.54 -17.43 4.33
CA ILE B 97 -6.57 -16.37 4.08
C ILE B 97 -5.23 -16.76 4.67
N LEU B 98 -5.25 -17.40 5.84
CA LEU B 98 -3.99 -17.84 6.44
C LEU B 98 -3.36 -18.94 5.58
N GLU B 99 -4.18 -19.83 5.01
CA GLU B 99 -3.63 -20.90 4.18
C GLU B 99 -3.11 -20.35 2.87
N VAL B 100 -3.77 -19.33 2.34
CA VAL B 100 -3.30 -18.74 1.10
C VAL B 100 -1.95 -18.06 1.37
N LEU B 101 -1.86 -17.34 2.49
CA LEU B 101 -0.60 -16.66 2.84
C LEU B 101 0.50 -17.68 3.08
N GLU B 102 0.15 -18.76 3.76
CA GLU B 102 1.09 -19.85 4.03
C GLU B 102 1.63 -20.41 2.72
N LYS B 103 0.75 -20.86 1.83
CA LYS B 103 1.21 -21.37 0.54
C LYS B 103 2.05 -20.32 -0.16
N THR B 104 1.63 -19.06 -0.07
CA THR B 104 2.37 -18.00 -0.72
C THR B 104 3.76 -17.81 -0.15
N MSE B 105 3.90 -17.83 1.17
CA MSE B 105 5.22 -17.63 1.74
C MSE B 105 6.13 -18.79 1.33
O MSE B 105 7.29 -18.59 1.00
CB MSE B 105 5.16 -17.50 3.26
CG MSE B 105 4.53 -16.20 3.76
SE MSE B 105 5.16 -14.53 2.95
CE MSE B 105 3.47 -13.55 3.04
N GLN B 106 5.59 -20.00 1.33
CA GLN B 106 6.38 -21.15 0.94
C GLN B 106 6.95 -20.98 -0.47
N ASP B 107 6.13 -20.53 -1.43
CA ASP B 107 6.64 -20.34 -2.80
C ASP B 107 7.63 -19.20 -2.93
N VAL B 108 7.64 -18.29 -1.96
CA VAL B 108 8.56 -17.17 -1.98
C VAL B 108 9.97 -17.74 -1.74
N LEU B 109 10.04 -18.72 -0.84
CA LEU B 109 11.30 -19.38 -0.47
C LEU B 109 11.87 -20.22 -1.62
N LYS B 110 10.98 -20.76 -2.46
CA LYS B 110 11.40 -21.57 -3.61
C LYS B 110 11.67 -20.67 -4.80
N ALA B 111 11.51 -19.36 -4.63
CA ALA B 111 11.75 -18.43 -5.73
C ALA B 111 13.23 -18.45 -6.12
N LYS B 112 13.50 -18.10 -7.37
CA LYS B 112 14.87 -18.09 -7.89
C LYS B 112 15.17 -16.68 -8.34
N GLU B 113 14.18 -15.81 -8.25
CA GLU B 113 14.35 -14.43 -8.69
C GLU B 113 13.20 -13.55 -8.22
N VAL B 114 13.41 -12.24 -8.24
CA VAL B 114 12.33 -11.32 -7.85
C VAL B 114 11.68 -10.79 -9.14
N PRO B 115 10.40 -11.14 -9.35
CA PRO B 115 9.57 -10.78 -10.51
C PRO B 115 9.58 -9.31 -10.89
N ALA B 116 9.61 -9.08 -12.19
CA ALA B 116 9.59 -7.74 -12.75
C ALA B 116 10.53 -6.80 -12.03
N SER B 117 11.77 -7.23 -11.78
CA SER B 117 12.73 -6.38 -11.11
C SER B 117 13.72 -5.75 -12.10
N ASN B 118 13.21 -4.90 -12.97
CA ASN B 118 14.00 -4.22 -13.99
C ASN B 118 13.36 -2.84 -14.14
N GLU B 119 13.99 -1.97 -14.91
CA GLU B 119 13.50 -0.61 -15.10
C GLU B 119 12.22 -0.46 -15.93
N LYS B 120 11.81 -1.53 -16.62
CA LYS B 120 10.60 -1.46 -17.42
C LYS B 120 9.38 -1.70 -16.55
N GLN B 121 9.51 -2.56 -15.56
CA GLN B 121 8.38 -2.91 -14.72
C GLN B 121 8.52 -2.53 -13.24
N CYS B 122 9.33 -1.52 -12.95
CA CYS B 122 9.57 -1.14 -11.56
C CYS B 122 10.14 0.27 -11.47
N GLY B 123 9.76 1.02 -10.43
CA GLY B 123 10.21 2.39 -10.29
C GLY B 123 11.57 2.58 -9.64
N TRP B 124 12.11 1.49 -9.11
CA TRP B 124 13.42 1.48 -8.47
C TRP B 124 13.95 0.04 -8.55
N ALA B 125 14.16 -0.41 -9.77
CA ALA B 125 14.62 -1.77 -10.07
C ALA B 125 15.88 -2.19 -9.34
N ALA B 126 16.74 -1.22 -9.05
CA ALA B 126 17.99 -1.52 -8.36
C ALA B 126 17.77 -1.94 -6.92
N ASN B 127 16.87 -1.24 -6.21
CA ASN B 127 16.59 -1.50 -4.81
C ASN B 127 15.85 -2.81 -4.52
N HIS B 128 16.52 -3.94 -4.76
CA HIS B 128 15.90 -5.24 -4.55
C HIS B 128 16.84 -6.26 -3.90
N THR B 129 16.25 -7.31 -3.33
CA THR B 129 17.03 -8.40 -2.75
C THR B 129 16.18 -9.61 -2.43
N LEU B 130 16.48 -10.71 -3.11
CA LEU B 130 15.75 -11.95 -2.92
C LEU B 130 16.02 -12.60 -1.58
N GLU B 131 17.28 -12.53 -1.12
CA GLU B 131 17.67 -13.12 0.16
C GLU B 131 16.91 -12.49 1.33
N GLY B 132 16.99 -11.16 1.42
CA GLY B 132 16.28 -10.44 2.48
C GLY B 132 14.79 -10.77 2.46
N ALA B 133 14.20 -10.71 1.28
CA ALA B 133 12.79 -11.01 1.13
C ALA B 133 12.54 -12.37 1.72
N GLN B 134 13.26 -13.36 1.19
CA GLN B 134 13.11 -14.72 1.67
C GLN B 134 13.39 -14.81 3.17
N ASN B 135 14.32 -14.03 3.68
CA ASN B 135 14.57 -14.07 5.13
C ASN B 135 13.30 -13.63 5.86
N LEU B 136 12.67 -12.57 5.36
CA LEU B 136 11.45 -12.09 5.98
C LEU B 136 10.35 -13.14 5.92
N ALA B 137 10.19 -13.78 4.76
CA ALA B 137 9.15 -14.79 4.62
C ALA B 137 9.37 -16.02 5.50
N ARG B 138 10.63 -16.43 5.66
CA ARG B 138 10.92 -17.60 6.50
C ARG B 138 10.59 -17.28 7.94
N ALA B 139 11.03 -16.12 8.42
CA ALA B 139 10.77 -15.70 9.80
C ALA B 139 9.26 -15.61 10.06
N PHE B 140 8.53 -15.03 9.10
CA PHE B 140 7.08 -14.89 9.21
C PHE B 140 6.53 -16.33 9.30
N LEU B 141 6.99 -17.21 8.41
CA LEU B 141 6.55 -18.60 8.40
C LEU B 141 6.85 -19.35 9.69
N ASP B 142 8.04 -19.17 10.24
CA ASP B 142 8.40 -19.86 11.48
C ASP B 142 7.44 -19.64 12.64
N LYS B 143 6.59 -18.61 12.57
CA LYS B 143 5.63 -18.37 13.65
C LYS B 143 4.19 -18.48 13.18
N ARG B 144 4.01 -19.32 12.17
CA ARG B 144 2.71 -19.57 11.57
C ARG B 144 1.66 -19.82 12.65
N ALA B 145 2.00 -20.63 13.63
CA ALA B 145 1.08 -20.97 14.71
C ALA B 145 0.49 -19.75 15.43
N GLU B 146 1.25 -18.66 15.52
CA GLU B 146 0.81 -17.41 16.17
C GLU B 146 0.06 -16.41 15.27
N TRP B 147 -0.11 -16.73 13.99
CA TRP B 147 -0.74 -15.76 13.09
C TRP B 147 -2.07 -15.14 13.49
N SER B 148 -2.99 -15.94 14.04
CA SER B 148 -4.29 -15.43 14.45
C SER B 148 -4.29 -14.83 15.85
N GLU B 149 -3.14 -14.81 16.50
CA GLU B 149 -3.05 -14.19 17.81
C GLU B 149 -2.55 -12.77 17.57
N VAL B 150 -3.48 -11.82 17.47
CA VAL B 150 -3.17 -10.42 17.24
C VAL B 150 -2.67 -9.77 18.51
N GLY B 151 -3.22 -10.20 19.64
CA GLY B 151 -2.78 -9.66 20.91
C GLY B 151 -3.70 -8.61 21.50
N VAL B 152 -4.60 -8.09 20.67
CA VAL B 152 -5.54 -7.06 21.09
C VAL B 152 -6.59 -6.86 20.00
ZN ZN C . 2.81 5.26 10.42
N MET D . -3.51 2.41 3.22
CA MET D . -3.95 2.83 4.58
C MET D . -5.35 3.47 4.51
O MET D . -5.69 4.05 3.47
CB MET D . -2.93 3.84 5.13
CG MET D . -3.26 4.41 6.48
SD MET D . -2.04 5.62 7.05
CE MET D . -0.89 4.56 7.93
OXT MET D . -6.10 3.38 5.50
ZN ZN E . 9.14 -2.34 -7.73
N MET F . -0.35 -2.81 -4.69
CA MET F . 0.08 -3.50 -5.94
C MET F . -0.73 -4.77 -6.24
O MET F . -0.86 -5.63 -5.34
CB MET F . 1.57 -3.83 -5.83
CG MET F . 2.12 -4.63 -6.97
SD MET F . 3.90 -4.86 -6.76
CE MET F . 4.50 -3.30 -7.43
OXT MET F . -1.23 -4.88 -7.38
#